data_5E55
#
_entry.id   5E55
#
_cell.length_a   86.744
_cell.length_b   90.847
_cell.length_c   99.349
_cell.angle_alpha   90.000
_cell.angle_beta   90.000
_cell.angle_gamma   90.000
#
_symmetry.space_group_name_H-M   'P 21 21 21'
#
loop_
_entity.id
_entity.type
_entity.pdbx_description
1 polymer Contactin-6
2 water water
#
_entity_poly.entity_id   1
_entity_poly.type   'polypeptide(L)'
_entity_poly.pdbx_seq_one_letter_code
;PGSPPGPPEDVKVEHISSTTSQLSWRPGPDNNSPIQIFTIQTRTPFSVGWQAVATVPEILNGQTYNATVVGLSPWVEYEF
RVVAGNNIGIGEPSKPSELLRTKASVPNVAPGNINGGGGSRSELVITWEAIPEELQNGEGFGYIVMFRPVGTTAWMKERV
ALVESSKFIYRNESIMPLSPFEVKVGVYNNEGEGSLSTVTIVYSGEDEPQLAPRGTSVQSFSASEMEVSWNAIAWNRNTG
RVLGYEVLYWTDNSKESMIGKIRVSGNVTTKNITGLRANTIYFASVRAYNTAGTGPSSLPVNVTTKK
;
_entity_poly.pdbx_strand_id   A,B
#
# COMPACT_ATOMS: atom_id res chain seq x y z
N SER A 3 -22.82 -27.58 35.95
CA SER A 3 -23.33 -26.53 35.06
C SER A 3 -22.23 -25.53 34.72
N PRO A 4 -22.38 -24.81 33.60
CA PRO A 4 -21.35 -23.80 33.32
C PRO A 4 -21.42 -22.64 34.32
N PRO A 5 -20.28 -21.99 34.60
CA PRO A 5 -20.19 -21.03 35.70
C PRO A 5 -21.09 -19.81 35.50
N GLY A 6 -21.36 -19.12 36.61
CA GLY A 6 -22.03 -17.84 36.55
C GLY A 6 -21.02 -16.80 36.09
N PRO A 7 -21.48 -15.59 35.80
CA PRO A 7 -20.57 -14.53 35.34
C PRO A 7 -19.66 -14.02 36.46
N PRO A 8 -18.39 -13.72 36.13
CA PRO A 8 -17.51 -13.04 37.09
C PRO A 8 -18.06 -11.67 37.51
N GLU A 9 -17.56 -11.16 38.64
CA GLU A 9 -18.11 -9.95 39.25
C GLU A 9 -17.03 -8.90 39.52
N ASP A 10 -17.46 -7.64 39.59
CA ASP A 10 -16.58 -6.54 40.00
C ASP A 10 -15.34 -6.41 39.12
N VAL A 11 -15.55 -6.50 37.81
CA VAL A 11 -14.49 -6.26 36.84
C VAL A 11 -14.08 -4.79 36.86
N LYS A 12 -12.85 -4.50 37.27
CA LYS A 12 -12.37 -3.11 37.23
C LYS A 12 -10.93 -2.98 36.72
N VAL A 13 -10.71 -1.91 35.98
CA VAL A 13 -9.39 -1.55 35.48
C VAL A 13 -8.62 -0.82 36.57
N GLU A 14 -7.51 -1.41 37.03
CA GLU A 14 -6.73 -0.81 38.10
C GLU A 14 -5.93 0.37 37.55
N HIS A 15 -5.20 0.12 36.48
CA HIS A 15 -4.41 1.13 35.80
C HIS A 15 -4.47 0.88 34.30
N ILE A 16 -4.42 1.94 33.50
CA ILE A 16 -4.39 1.79 32.05
C ILE A 16 -3.35 2.71 31.43
N SER A 17 -2.63 2.16 30.45
CA SER A 17 -1.56 2.88 29.77
C SER A 17 -1.98 3.15 28.33
N SER A 18 -1.04 2.99 27.39
CA SER A 18 -1.33 3.23 25.98
C SER A 18 -1.87 2.00 25.29
N THR A 19 -1.17 0.88 25.44
CA THR A 19 -1.48 -0.34 24.68
C THR A 19 -1.73 -1.54 25.59
N THR A 20 -1.87 -1.29 26.88
CA THR A 20 -2.15 -2.35 27.83
C THR A 20 -3.02 -1.84 28.96
N SER A 21 -3.51 -2.76 29.79
CA SER A 21 -4.26 -2.39 30.99
C SER A 21 -4.20 -3.51 32.02
N GLN A 22 -4.35 -3.14 33.29
CA GLN A 22 -4.40 -4.11 34.38
C GLN A 22 -5.84 -4.30 34.87
N LEU A 23 -6.30 -5.56 34.82
CA LEU A 23 -7.67 -5.91 35.19
C LEU A 23 -7.71 -6.74 36.46
N SER A 24 -8.80 -6.60 37.21
CA SER A 24 -9.07 -7.45 38.37
C SER A 24 -10.54 -7.83 38.41
N TRP A 25 -10.85 -9.04 38.87
CA TRP A 25 -12.21 -9.53 38.91
C TRP A 25 -12.41 -10.55 40.02
N ARG A 26 -13.65 -10.71 40.49
CA ARG A 26 -13.99 -11.78 41.42
C ARG A 26 -14.69 -12.90 40.66
N PRO A 27 -14.49 -14.16 41.07
CA PRO A 27 -15.16 -15.26 40.38
C PRO A 27 -16.64 -15.35 40.72
N GLY A 28 -17.45 -15.85 39.79
CA GLY A 28 -18.86 -16.03 40.02
C GLY A 28 -19.11 -17.39 40.63
N PRO A 29 -20.39 -17.78 40.80
CA PRO A 29 -20.68 -19.10 41.35
C PRO A 29 -20.04 -20.22 40.53
N ASP A 30 -19.53 -21.23 41.22
CA ASP A 30 -18.80 -22.31 40.59
C ASP A 30 -19.74 -23.25 39.83
N ASN A 31 -21.00 -23.29 40.25
CA ASN A 31 -22.01 -24.19 39.69
C ASN A 31 -21.57 -25.66 39.78
N ASN A 32 -21.02 -26.02 40.93
CA ASN A 32 -20.63 -27.40 41.27
C ASN A 32 -19.45 -27.96 40.47
N SER A 33 -19.10 -27.32 39.35
CA SER A 33 -17.95 -27.74 38.54
C SER A 33 -16.84 -26.69 38.61
N PRO A 34 -15.65 -27.07 39.14
CA PRO A 34 -14.57 -26.11 39.33
C PRO A 34 -14.10 -25.43 38.05
N ILE A 35 -14.15 -24.10 38.03
CA ILE A 35 -13.64 -23.34 36.90
C ILE A 35 -12.14 -23.51 36.79
N GLN A 36 -11.65 -23.64 35.56
CA GLN A 36 -10.21 -23.77 35.32
C GLN A 36 -9.69 -22.73 34.35
N ILE A 37 -10.60 -21.93 33.78
CA ILE A 37 -10.23 -20.99 32.72
C ILE A 37 -11.03 -19.69 32.81
N PHE A 38 -10.32 -18.59 32.56
CA PHE A 38 -10.92 -17.26 32.45
C PHE A 38 -10.53 -16.67 31.11
N THR A 39 -11.50 -16.06 30.43
CA THR A 39 -11.23 -15.34 29.19
C THR A 39 -11.67 -13.89 29.33
N ILE A 40 -10.84 -12.99 28.82
CA ILE A 40 -11.16 -11.58 28.79
C ILE A 40 -11.53 -11.20 27.36
N GLN A 41 -12.52 -10.33 27.23
CA GLN A 41 -12.92 -9.81 25.94
C GLN A 41 -13.00 -8.30 26.04
N THR A 42 -13.08 -7.65 24.89
CA THR A 42 -13.01 -6.19 24.84
C THR A 42 -13.94 -5.63 23.77
N ARG A 43 -14.34 -4.37 23.94
CA ARG A 43 -15.23 -3.72 22.99
C ARG A 43 -14.96 -2.22 22.92
N THR A 44 -14.80 -1.71 21.70
CA THR A 44 -14.59 -0.29 21.45
C THR A 44 -15.73 0.26 20.57
N PRO A 45 -15.83 1.60 20.45
CA PRO A 45 -16.88 2.17 19.59
C PRO A 45 -16.78 1.67 18.15
N PHE A 46 -15.56 1.42 17.70
CA PHE A 46 -15.29 1.02 16.33
C PHE A 46 -15.33 -0.50 16.19
N SER A 47 -15.72 -1.16 17.28
CA SER A 47 -15.69 -2.61 17.34
C SER A 47 -17.04 -3.19 17.00
N VAL A 48 -17.02 -4.38 16.41
CA VAL A 48 -18.22 -5.17 16.22
C VAL A 48 -18.32 -6.12 17.42
N GLY A 49 -19.37 -5.93 18.21
CA GLY A 49 -19.57 -6.71 19.42
C GLY A 49 -18.35 -6.76 20.31
N TRP A 50 -18.01 -7.97 20.76
CA TRP A 50 -16.86 -8.18 21.63
C TRP A 50 -15.77 -8.98 20.93
N GLN A 51 -14.52 -8.62 21.20
CA GLN A 51 -13.36 -9.28 20.63
C GLN A 51 -12.55 -9.99 21.71
N ALA A 52 -12.06 -11.18 21.39
CA ALA A 52 -11.09 -11.83 22.25
C ALA A 52 -9.84 -10.96 22.29
N VAL A 53 -9.06 -11.09 23.35
CA VAL A 53 -7.89 -10.24 23.55
C VAL A 53 -6.81 -10.99 24.30
N ALA A 54 -5.56 -10.67 24.01
CA ALA A 54 -4.42 -11.40 24.57
C ALA A 54 -4.10 -10.90 25.96
N THR A 55 -3.63 -11.80 26.82
CA THR A 55 -3.38 -11.47 28.22
C THR A 55 -1.98 -11.85 28.68
N VAL A 56 -1.55 -11.20 29.77
CA VAL A 56 -0.37 -11.60 30.51
C VAL A 56 -0.77 -11.90 31.94
N PRO A 57 -0.76 -13.19 32.34
CA PRO A 57 -0.36 -14.42 31.64
C PRO A 57 -1.22 -14.72 30.41
N GLU A 58 -0.63 -15.42 29.43
CA GLU A 58 -1.33 -15.73 28.18
C GLU A 58 -2.47 -16.71 28.42
N ILE A 59 -2.45 -17.40 29.54
CA ILE A 59 -3.59 -18.21 29.98
C ILE A 59 -3.94 -17.88 31.42
N LEU A 60 -5.22 -17.65 31.66
CA LEU A 60 -5.74 -17.38 32.99
C LEU A 60 -6.40 -18.63 33.56
N ASN A 61 -5.90 -19.13 34.68
CA ASN A 61 -6.49 -20.32 35.29
C ASN A 61 -7.65 -19.95 36.21
N GLY A 62 -8.27 -20.96 36.81
CA GLY A 62 -9.45 -20.76 37.63
C GLY A 62 -9.17 -20.07 38.95
N GLN A 63 -7.90 -19.99 39.33
CA GLN A 63 -7.51 -19.31 40.57
C GLN A 63 -6.98 -17.90 40.27
N THR A 64 -6.88 -17.57 38.99
CA THR A 64 -6.36 -16.27 38.58
C THR A 64 -7.47 -15.24 38.49
N TYR A 65 -7.35 -14.20 39.30
CA TYR A 65 -8.34 -13.15 39.39
C TYR A 65 -7.75 -11.80 38.97
N ASN A 66 -6.57 -11.86 38.36
CA ASN A 66 -5.85 -10.68 37.92
C ASN A 66 -5.03 -10.97 36.66
N ALA A 67 -4.90 -9.96 35.81
CA ALA A 67 -4.11 -10.10 34.58
C ALA A 67 -3.88 -8.76 33.92
N THR A 68 -2.86 -8.70 33.07
CA THR A 68 -2.61 -7.55 32.21
C THR A 68 -3.10 -7.89 30.81
N VAL A 69 -3.77 -6.95 30.17
CA VAL A 69 -4.29 -7.13 28.82
C VAL A 69 -3.36 -6.41 27.86
N VAL A 70 -2.96 -7.08 26.78
CA VAL A 70 -2.02 -6.52 25.82
C VAL A 70 -2.61 -6.40 24.43
N GLY A 71 -2.07 -5.48 23.64
CA GLY A 71 -2.47 -5.32 22.26
C GLY A 71 -3.55 -4.27 22.04
N LEU A 72 -3.71 -3.36 22.99
CA LEU A 72 -4.74 -2.32 22.88
C LEU A 72 -4.26 -1.22 21.95
N SER A 73 -5.21 -0.50 21.37
CA SER A 73 -4.88 0.62 20.50
C SER A 73 -4.83 1.91 21.32
N PRO A 74 -3.75 2.69 21.18
CA PRO A 74 -3.69 3.95 21.94
C PRO A 74 -4.84 4.92 21.64
N TRP A 75 -5.24 5.69 22.66
CA TRP A 75 -6.30 6.70 22.56
C TRP A 75 -7.61 6.15 22.00
N VAL A 76 -7.92 4.91 22.36
CA VAL A 76 -9.21 4.31 22.03
C VAL A 76 -10.01 4.03 23.30
N GLU A 77 -11.32 4.22 23.23
CA GLU A 77 -12.21 3.98 24.38
C GLU A 77 -12.54 2.50 24.54
N TYR A 78 -12.09 1.94 25.66
CA TYR A 78 -12.18 0.51 25.90
C TYR A 78 -13.10 0.16 27.07
N GLU A 79 -13.76 -0.99 26.96
CA GLU A 79 -14.40 -1.62 28.11
C GLU A 79 -14.14 -3.12 28.03
N PHE A 80 -13.99 -3.75 29.20
CA PHE A 80 -13.60 -5.16 29.27
C PHE A 80 -14.62 -5.98 30.04
N ARG A 81 -14.82 -7.22 29.60
CA ARG A 81 -15.60 -8.19 30.36
C ARG A 81 -14.84 -9.50 30.48
N VAL A 82 -15.19 -10.26 31.50
CA VAL A 82 -14.56 -11.55 31.76
C VAL A 82 -15.62 -12.63 31.72
N VAL A 83 -15.35 -13.69 30.96
CA VAL A 83 -16.25 -14.83 30.88
C VAL A 83 -15.55 -16.02 31.53
N ALA A 84 -16.24 -16.62 32.50
CA ALA A 84 -15.71 -17.77 33.21
C ALA A 84 -15.86 -19.01 32.34
N GLY A 85 -15.09 -20.06 32.64
CA GLY A 85 -15.19 -21.30 31.89
C GLY A 85 -15.01 -22.55 32.71
N ASN A 86 -15.83 -23.55 32.39
CA ASN A 86 -15.76 -24.86 33.02
C ASN A 86 -15.07 -25.89 32.12
N ASN A 87 -14.89 -27.10 32.66
CA ASN A 87 -14.49 -28.25 31.86
C ASN A 87 -15.73 -29.00 31.39
N ILE A 88 -16.88 -28.34 31.53
CA ILE A 88 -18.17 -28.93 31.20
C ILE A 88 -18.92 -27.98 30.27
N GLY A 89 -18.66 -26.68 30.42
CA GLY A 89 -19.21 -25.68 29.52
C GLY A 89 -18.48 -24.35 29.58
N ILE A 90 -19.07 -23.35 28.94
CA ILE A 90 -18.53 -22.00 28.96
C ILE A 90 -19.54 -21.06 29.60
N GLY A 91 -19.12 -20.40 30.67
CA GLY A 91 -20.00 -19.59 31.50
C GLY A 91 -20.58 -18.38 30.79
N GLU A 92 -21.35 -17.60 31.53
CA GLU A 92 -21.89 -16.35 31.03
C GLU A 92 -20.86 -15.24 31.21
N PRO A 93 -20.83 -14.27 30.30
CA PRO A 93 -19.88 -13.14 30.41
C PRO A 93 -20.30 -12.11 31.46
N SER A 94 -19.31 -11.51 32.10
CA SER A 94 -19.53 -10.55 33.18
C SER A 94 -20.14 -9.25 32.66
N LYS A 95 -20.39 -8.33 33.58
CA LYS A 95 -20.78 -6.98 33.20
C LYS A 95 -19.52 -6.18 32.88
N PRO A 96 -19.57 -5.38 31.80
CA PRO A 96 -18.37 -4.66 31.37
C PRO A 96 -17.80 -3.72 32.41
N SER A 97 -16.48 -3.53 32.37
CA SER A 97 -15.81 -2.53 33.18
C SER A 97 -16.34 -1.14 32.87
N GLU A 98 -16.10 -0.21 33.78
CA GLU A 98 -16.32 1.20 33.51
C GLU A 98 -15.52 1.60 32.28
N LEU A 99 -16.22 2.09 31.26
CA LEU A 99 -15.58 2.50 30.01
C LEU A 99 -14.43 3.46 30.27
N LEU A 100 -13.31 3.21 29.61
CA LEU A 100 -12.14 4.07 29.73
C LEU A 100 -11.38 4.15 28.42
N ARG A 101 -10.69 5.28 28.24
CA ARG A 101 -9.87 5.52 27.07
C ARG A 101 -8.39 5.28 27.39
N THR A 102 -7.71 4.52 26.53
CA THR A 102 -6.29 4.29 26.71
C THR A 102 -5.53 5.59 26.49
N LYS A 103 -4.35 5.69 27.07
CA LYS A 103 -3.53 6.90 26.93
C LYS A 103 -2.97 7.02 25.51
N ALA A 104 -2.75 8.26 25.08
CA ALA A 104 -2.36 8.55 23.71
C ALA A 104 -0.94 8.10 23.38
N SER A 105 -0.68 7.84 22.11
CA SER A 105 0.66 7.55 21.60
C SER A 105 0.77 8.05 20.16
N VAL A 106 1.99 8.08 19.61
CA VAL A 106 2.21 8.55 18.23
C VAL A 106 1.69 7.51 17.25
N PRO A 107 1.22 7.96 16.07
CA PRO A 107 0.58 6.97 15.19
C PRO A 107 1.56 6.00 14.56
N ASN A 108 1.14 4.75 14.45
CA ASN A 108 2.04 3.68 14.04
C ASN A 108 1.75 3.21 12.62
N VAL A 109 0.66 3.69 12.02
CA VAL A 109 0.22 3.21 10.73
C VAL A 109 0.13 4.30 9.67
N ALA A 110 1.06 4.24 8.71
CA ALA A 110 1.09 5.18 7.59
C ALA A 110 -0.06 4.89 6.63
N PRO A 111 -0.58 5.93 5.95
CA PRO A 111 -1.68 5.73 5.01
C PRO A 111 -1.28 4.85 3.82
N GLY A 112 -2.28 4.32 3.12
CA GLY A 112 -2.06 3.43 2.00
C GLY A 112 -2.48 4.05 0.68
N ASN A 113 -2.12 3.40 -0.41
CA ASN A 113 -2.47 3.85 -1.75
C ASN A 113 -1.97 5.27 -2.00
N ILE A 114 -0.69 5.48 -1.72
CA ILE A 114 -0.05 6.77 -1.95
C ILE A 114 0.15 6.94 -3.44
N ASN A 115 -0.29 8.09 -3.95
CA ASN A 115 -0.37 8.30 -5.38
C ASN A 115 -0.45 9.78 -5.68
N GLY A 116 -0.86 10.12 -6.90
CA GLY A 116 -0.99 11.49 -7.31
C GLY A 116 -0.71 11.67 -8.78
N GLY A 117 -0.40 12.90 -9.15
CA GLY A 117 -0.22 13.25 -10.55
C GLY A 117 -1.32 14.21 -10.97
N GLY A 118 -1.19 14.78 -12.15
CA GLY A 118 -2.17 15.74 -12.63
C GLY A 118 -1.92 17.11 -12.05
N GLY A 119 -2.93 17.96 -12.11
CA GLY A 119 -2.78 19.36 -11.75
C GLY A 119 -2.15 20.11 -12.91
N SER A 120 -1.81 21.37 -12.68
CA SER A 120 -1.26 22.21 -13.72
C SER A 120 0.24 21.94 -13.90
N ARG A 121 0.85 22.61 -14.87
CA ARG A 121 2.24 22.36 -15.20
C ARG A 121 3.19 22.71 -14.04
N SER A 122 2.70 23.53 -13.12
CA SER A 122 3.50 23.99 -11.99
C SER A 122 2.96 23.44 -10.67
N GLU A 123 2.39 22.23 -10.73
CA GLU A 123 1.80 21.62 -9.55
C GLU A 123 2.21 20.16 -9.42
N LEU A 124 2.46 19.76 -8.17
CA LEU A 124 2.61 18.35 -7.83
C LEU A 124 1.47 17.99 -6.91
N VAL A 125 0.61 17.09 -7.38
CA VAL A 125 -0.58 16.70 -6.65
C VAL A 125 -0.37 15.32 -6.04
N ILE A 126 -0.46 15.24 -4.72
CA ILE A 126 -0.27 13.99 -3.98
C ILE A 126 -1.56 13.54 -3.30
N THR A 127 -1.90 12.27 -3.48
CA THR A 127 -3.10 11.68 -2.88
C THR A 127 -2.74 10.43 -2.08
N TRP A 128 -3.45 10.21 -0.97
CA TRP A 128 -3.34 8.98 -0.20
C TRP A 128 -4.71 8.57 0.32
N GLU A 129 -4.78 7.37 0.90
CA GLU A 129 -6.02 6.88 1.50
C GLU A 129 -6.01 7.16 3.00
N ALA A 130 -6.94 8.00 3.45
CA ALA A 130 -7.06 8.37 4.85
C ALA A 130 -7.26 7.14 5.74
N ILE A 131 -6.39 6.99 6.73
CA ILE A 131 -6.39 5.80 7.59
C ILE A 131 -7.67 5.64 8.41
N PRO A 132 -7.86 4.45 9.01
CA PRO A 132 -8.95 4.23 9.96
C PRO A 132 -8.87 5.17 11.17
N GLU A 133 -10.01 5.71 11.55
CA GLU A 133 -10.13 6.69 12.63
C GLU A 133 -9.52 6.26 13.97
N GLU A 134 -9.43 4.96 14.22
CA GLU A 134 -8.99 4.46 15.53
C GLU A 134 -7.47 4.37 15.64
N LEU A 135 -6.76 4.78 14.59
CA LEU A 135 -5.31 4.65 14.53
C LEU A 135 -4.60 6.00 14.63
N GLN A 136 -5.36 7.05 14.93
CA GLN A 136 -4.81 8.38 15.18
C GLN A 136 -4.04 8.39 16.50
N ASN A 137 -4.49 7.58 17.44
CA ASN A 137 -3.78 7.36 18.71
C ASN A 137 -3.56 8.60 19.56
N GLY A 138 -4.14 9.74 19.18
CA GLY A 138 -4.06 10.93 20.00
C GLY A 138 -4.82 12.11 19.42
N GLU A 139 -4.80 13.23 20.12
CA GLU A 139 -5.42 14.47 19.65
C GLU A 139 -4.52 15.19 18.65
N GLY A 140 -5.08 16.16 17.93
CA GLY A 140 -4.32 16.93 16.95
C GLY A 140 -3.65 16.08 15.89
N PHE A 141 -4.37 15.09 15.38
CA PHE A 141 -3.82 14.15 14.41
C PHE A 141 -3.70 14.75 13.01
N GLY A 142 -2.72 14.27 12.24
CA GLY A 142 -2.55 14.74 10.87
C GLY A 142 -1.60 13.88 10.04
N TYR A 143 -1.37 14.30 8.80
CA TYR A 143 -0.48 13.60 7.88
C TYR A 143 0.78 14.40 7.58
N ILE A 144 1.89 13.69 7.36
CA ILE A 144 3.15 14.32 6.95
C ILE A 144 3.42 13.99 5.50
N VAL A 145 3.26 15.00 4.63
CA VAL A 145 3.56 14.83 3.22
C VAL A 145 5.01 15.18 2.97
N MET A 146 5.77 14.22 2.43
CA MET A 146 7.18 14.43 2.13
C MET A 146 7.46 14.22 0.65
N PHE A 147 8.18 15.16 0.03
CA PHE A 147 8.51 15.07 -1.38
C PHE A 147 9.87 15.65 -1.72
N ARG A 148 10.40 15.22 -2.87
CA ARG A 148 11.63 15.77 -3.40
C ARG A 148 11.75 15.38 -4.88
N PRO A 149 12.35 16.27 -5.69
CA PRO A 149 12.67 15.87 -7.06
C PRO A 149 13.53 14.61 -7.06
N VAL A 150 13.41 13.78 -8.09
CA VAL A 150 14.27 12.61 -8.22
C VAL A 150 15.72 13.08 -8.28
N GLY A 151 16.60 12.36 -7.59
CA GLY A 151 18.02 12.69 -7.59
C GLY A 151 18.36 13.82 -6.64
N THR A 152 17.38 14.27 -5.87
CA THR A 152 17.61 15.22 -4.78
C THR A 152 17.63 14.40 -3.49
N THR A 153 18.40 14.86 -2.51
CA THR A 153 18.61 14.06 -1.30
C THR A 153 17.70 14.55 -0.17
N ALA A 154 17.62 15.86 -0.03
CA ALA A 154 16.84 16.46 1.05
C ALA A 154 15.35 16.34 0.77
N TRP A 155 14.63 15.84 1.77
CA TRP A 155 13.17 15.83 1.72
C TRP A 155 12.62 17.20 2.03
N MET A 156 11.57 17.57 1.31
CA MET A 156 10.71 18.67 1.69
C MET A 156 9.53 18.04 2.38
N LYS A 157 8.96 18.72 3.36
CA LYS A 157 7.76 18.19 3.98
C LYS A 157 6.86 19.25 4.56
N GLU A 158 5.58 18.91 4.62
CA GLU A 158 4.54 19.80 5.09
C GLU A 158 3.46 18.95 5.72
N ARG A 159 2.94 19.42 6.85
CA ARG A 159 1.94 18.65 7.57
C ARG A 159 0.53 19.05 7.15
N VAL A 160 -0.38 18.08 7.22
CA VAL A 160 -1.78 18.29 6.85
C VAL A 160 -2.68 17.75 7.94
N ALA A 161 -3.37 18.65 8.63
CA ALA A 161 -4.21 18.26 9.78
C ALA A 161 -5.43 17.47 9.33
N LEU A 162 -6.07 16.84 10.32
CA LEU A 162 -7.34 16.13 10.19
C LEU A 162 -7.16 14.76 9.54
N VAL A 163 -7.77 13.75 10.17
CA VAL A 163 -7.57 12.35 9.82
C VAL A 163 -8.21 12.01 8.47
N GLU A 164 -9.18 12.82 8.06
CA GLU A 164 -9.95 12.55 6.87
C GLU A 164 -9.30 13.10 5.61
N SER A 165 -8.35 14.03 5.78
CA SER A 165 -7.70 14.67 4.65
C SER A 165 -6.87 13.66 3.88
N SER A 166 -6.74 13.89 2.57
CA SER A 166 -6.24 12.85 1.67
C SER A 166 -5.62 13.40 0.39
N LYS A 167 -5.37 14.70 0.36
CA LYS A 167 -4.81 15.33 -0.83
C LYS A 167 -3.94 16.54 -0.47
N PHE A 168 -2.74 16.58 -1.03
CA PHE A 168 -1.82 17.70 -0.85
C PHE A 168 -1.38 18.23 -2.21
N ILE A 169 -1.33 19.55 -2.35
CA ILE A 169 -0.83 20.16 -3.57
C ILE A 169 0.36 21.06 -3.30
N TYR A 170 1.45 20.76 -3.99
CA TYR A 170 2.68 21.54 -3.95
C TYR A 170 2.74 22.40 -5.21
N ARG A 171 2.99 23.70 -5.02
CA ARG A 171 2.99 24.64 -6.14
C ARG A 171 4.36 25.33 -6.26
N ASN A 172 4.86 25.39 -7.48
CA ASN A 172 6.21 25.91 -7.73
C ASN A 172 6.39 26.12 -9.23
N GLU A 173 6.40 27.38 -9.64
CA GLU A 173 6.50 27.75 -11.06
C GLU A 173 7.80 27.26 -11.70
N SER A 174 8.82 26.99 -10.90
CA SER A 174 10.11 26.60 -11.43
C SER A 174 10.07 25.24 -12.13
N ILE A 175 9.17 24.36 -11.69
CA ILE A 175 9.20 22.97 -12.15
C ILE A 175 8.63 22.85 -13.56
N MET A 176 9.06 21.81 -14.25
CA MET A 176 8.63 21.55 -15.62
C MET A 176 7.53 20.48 -15.63
N PRO A 177 6.76 20.40 -16.73
CA PRO A 177 5.70 19.39 -16.82
C PRO A 177 6.18 17.94 -16.65
N LEU A 178 5.40 17.15 -15.92
CA LEU A 178 5.67 15.73 -15.76
C LEU A 178 7.08 15.48 -15.22
N SER A 179 7.53 16.37 -14.34
CA SER A 179 8.75 16.15 -13.57
C SER A 179 8.50 15.06 -12.53
N PRO A 180 9.38 14.04 -12.46
CA PRO A 180 9.20 13.02 -11.43
C PRO A 180 9.63 13.50 -10.05
N PHE A 181 8.97 12.99 -9.03
CA PHE A 181 9.21 13.33 -7.64
C PHE A 181 9.16 12.03 -6.83
N GLU A 182 9.96 11.95 -5.78
CA GLU A 182 9.81 10.87 -4.81
C GLU A 182 8.92 11.39 -3.70
N VAL A 183 7.88 10.64 -3.35
CA VAL A 183 6.98 11.04 -2.27
C VAL A 183 6.67 9.87 -1.35
N LYS A 184 6.50 10.20 -0.08
CA LYS A 184 6.02 9.25 0.92
C LYS A 184 5.22 10.02 1.94
N VAL A 185 4.24 9.36 2.55
CA VAL A 185 3.36 10.04 3.52
C VAL A 185 3.39 9.32 4.86
N GLY A 186 3.66 10.09 5.91
CA GLY A 186 3.65 9.58 7.27
C GLY A 186 2.54 10.20 8.08
N VAL A 187 2.62 10.00 9.39
CA VAL A 187 1.57 10.44 10.30
C VAL A 187 2.16 11.11 11.53
N TYR A 188 1.34 11.89 12.22
CA TYR A 188 1.74 12.58 13.44
C TYR A 188 0.53 12.91 14.30
N ASN A 189 0.78 13.35 15.52
CA ASN A 189 -0.26 13.91 16.37
C ASN A 189 0.38 14.73 17.50
N ASN A 190 -0.39 15.02 18.55
CA ASN A 190 0.11 15.83 19.65
C ASN A 190 1.24 15.13 20.41
N GLU A 191 1.41 13.84 20.15
CA GLU A 191 2.44 13.05 20.83
C GLU A 191 3.74 13.00 20.03
N GLY A 192 3.72 13.55 18.82
CA GLY A 192 4.90 13.62 17.97
C GLY A 192 4.73 12.92 16.65
N GLU A 193 5.85 12.61 16.00
CA GLU A 193 5.82 12.03 14.67
C GLU A 193 5.87 10.51 14.71
N GLY A 194 4.91 9.91 14.02
CA GLY A 194 4.85 8.47 13.87
C GLY A 194 5.51 8.02 12.59
N SER A 195 5.23 6.78 12.19
CA SER A 195 5.90 6.16 11.07
C SER A 195 5.54 6.80 9.73
N LEU A 196 6.40 6.57 8.75
CA LEU A 196 6.20 7.03 7.39
C LEU A 196 5.84 5.86 6.49
N SER A 197 5.41 6.16 5.28
CA SER A 197 5.12 5.12 4.29
C SER A 197 6.37 4.82 3.46
N THR A 198 6.30 3.76 2.68
CA THR A 198 7.31 3.48 1.69
C THR A 198 7.23 4.52 0.58
N VAL A 199 8.32 4.68 -0.18
CA VAL A 199 8.38 5.66 -1.25
C VAL A 199 7.76 5.16 -2.55
N THR A 200 7.07 6.05 -3.25
CA THR A 200 6.67 5.81 -4.63
C THR A 200 6.92 7.08 -5.44
N ILE A 201 6.83 6.99 -6.75
CA ILE A 201 7.13 8.13 -7.63
C ILE A 201 5.87 8.76 -8.20
N VAL A 202 5.78 10.08 -8.08
CA VAL A 202 4.66 10.86 -8.59
C VAL A 202 5.18 11.92 -9.55
N TYR A 203 4.40 12.22 -10.59
CA TYR A 203 4.81 13.21 -11.58
C TYR A 203 4.06 14.53 -11.44
N SER A 204 4.78 15.62 -11.73
CA SER A 204 4.19 16.94 -11.84
C SER A 204 3.05 16.95 -12.87
N GLY A 205 2.25 18.01 -12.86
CA GLY A 205 1.10 18.08 -13.74
C GLY A 205 1.47 18.55 -15.13
N GLU A 206 0.46 18.95 -15.90
CA GLU A 206 0.66 19.37 -17.29
C GLU A 206 -0.50 20.24 -17.77
N ASP A 207 -0.41 20.71 -19.00
CA ASP A 207 -1.47 21.52 -19.60
C ASP A 207 -2.60 20.63 -20.08
N GLU A 208 -3.83 21.01 -19.78
CA GLU A 208 -5.00 20.29 -20.25
C GLU A 208 -4.99 20.23 -21.78
N PRO A 209 -5.65 19.21 -22.36
CA PRO A 209 -5.78 19.20 -23.82
C PRO A 209 -6.62 20.37 -24.29
N GLN A 210 -6.25 21.00 -25.40
CA GLN A 210 -6.86 22.27 -25.80
C GLN A 210 -8.00 22.11 -26.80
N LEU A 211 -7.93 21.07 -27.64
CA LEU A 211 -8.91 20.90 -28.71
C LEU A 211 -9.89 19.78 -28.43
N ALA A 212 -10.94 19.73 -29.24
CA ALA A 212 -11.97 18.71 -29.14
C ALA A 212 -11.81 17.68 -30.26
N PRO A 213 -12.10 16.40 -29.96
CA PRO A 213 -12.09 15.42 -31.05
C PRO A 213 -13.24 15.65 -32.02
N ARG A 214 -13.00 15.42 -33.31
CA ARG A 214 -14.02 15.66 -34.32
C ARG A 214 -14.42 14.38 -35.05
N GLY A 215 -15.43 14.50 -35.91
CA GLY A 215 -15.94 13.36 -36.65
C GLY A 215 -16.69 12.37 -35.78
N THR A 216 -17.36 12.88 -34.75
CA THR A 216 -18.08 12.06 -33.80
C THR A 216 -19.35 11.45 -34.40
N SER A 217 -19.50 10.13 -34.28
CA SER A 217 -20.68 9.43 -34.81
C SER A 217 -21.05 8.23 -33.94
N VAL A 218 -22.32 7.83 -33.98
CA VAL A 218 -22.78 6.67 -33.21
C VAL A 218 -23.63 5.73 -34.06
N GLN A 219 -23.58 4.45 -33.71
CA GLN A 219 -24.25 3.40 -34.43
C GLN A 219 -24.69 2.31 -33.44
N SER A 220 -25.81 1.67 -33.72
CA SER A 220 -26.35 0.66 -32.80
C SER A 220 -26.64 -0.67 -33.50
N PHE A 221 -26.07 -1.75 -32.97
CA PHE A 221 -26.29 -3.10 -33.48
C PHE A 221 -27.20 -3.91 -32.58
N SER A 222 -27.18 -3.60 -31.29
CA SER A 222 -27.95 -4.33 -30.29
C SER A 222 -28.84 -3.41 -29.47
N ALA A 223 -29.63 -4.00 -28.59
CA ALA A 223 -30.55 -3.25 -27.73
C ALA A 223 -29.85 -2.80 -26.46
N SER A 224 -28.77 -3.50 -26.11
CA SER A 224 -28.00 -3.19 -24.90
C SER A 224 -26.81 -2.31 -25.22
N GLU A 225 -26.67 -1.92 -26.49
CA GLU A 225 -25.40 -1.39 -26.97
C GLU A 225 -25.49 -0.29 -28.03
N MET A 226 -24.57 0.67 -27.92
CA MET A 226 -24.29 1.62 -29.00
C MET A 226 -22.78 1.83 -29.09
N GLU A 227 -22.28 2.01 -30.31
CA GLU A 227 -20.85 2.20 -30.54
C GLU A 227 -20.53 3.62 -31.03
N VAL A 228 -19.76 4.35 -30.22
CA VAL A 228 -19.36 5.73 -30.53
C VAL A 228 -18.03 5.73 -31.29
N SER A 229 -17.88 6.62 -32.26
CA SER A 229 -16.63 6.77 -33.02
C SER A 229 -16.23 8.24 -33.13
N TRP A 230 -14.95 8.49 -33.40
CA TRP A 230 -14.45 9.85 -33.61
C TRP A 230 -13.06 9.84 -34.25
N ASN A 231 -12.53 11.02 -34.60
CA ASN A 231 -11.19 11.12 -35.15
C ASN A 231 -10.15 11.35 -34.07
N ALA A 232 -9.00 10.70 -34.21
CA ALA A 232 -7.89 10.91 -33.28
C ALA A 232 -7.40 12.34 -33.43
N ILE A 233 -6.97 12.92 -32.32
CA ILE A 233 -6.45 14.29 -32.32
C ILE A 233 -4.97 14.30 -32.67
N ALA A 234 -4.64 15.04 -33.72
CA ALA A 234 -3.26 15.22 -34.13
C ALA A 234 -2.52 15.99 -33.06
N TRP A 235 -1.25 15.68 -32.87
CA TRP A 235 -0.47 16.30 -31.81
C TRP A 235 0.44 17.38 -32.37
N ASN A 236 0.30 18.56 -31.80
CA ASN A 236 1.26 19.63 -31.98
C ASN A 236 1.55 20.16 -30.57
N ARG A 237 2.80 20.49 -30.29
CA ARG A 237 3.26 20.66 -28.91
C ARG A 237 2.53 21.78 -28.16
N ASN A 238 1.80 22.61 -28.89
CA ASN A 238 1.07 23.73 -28.29
C ASN A 238 -0.37 23.38 -27.94
N THR A 239 -0.80 22.18 -28.33
CA THR A 239 -1.98 21.57 -27.77
C THR A 239 -1.47 20.64 -26.67
N GLY A 240 -2.35 20.20 -25.78
CA GLY A 240 -1.92 19.30 -24.73
C GLY A 240 -1.53 17.97 -25.34
N ARG A 241 -0.95 17.07 -24.56
CA ARG A 241 -0.78 15.70 -25.00
C ARG A 241 -2.12 14.99 -24.75
N VAL A 242 -2.50 14.08 -25.64
CA VAL A 242 -3.75 13.34 -25.49
C VAL A 242 -3.42 11.90 -25.11
N LEU A 243 -3.74 11.52 -23.87
CA LEU A 243 -3.49 10.15 -23.41
C LEU A 243 -4.61 9.20 -23.80
N GLY A 244 -5.76 9.77 -24.11
CA GLY A 244 -6.94 8.98 -24.40
C GLY A 244 -8.16 9.86 -24.52
N TYR A 245 -9.33 9.24 -24.55
CA TYR A 245 -10.57 9.94 -24.83
C TYR A 245 -11.66 9.49 -23.86
N GLU A 246 -12.42 10.46 -23.35
CA GLU A 246 -13.53 10.19 -22.45
C GLU A 246 -14.85 10.32 -23.21
N VAL A 247 -15.65 9.26 -23.20
CA VAL A 247 -16.94 9.26 -23.89
C VAL A 247 -18.08 9.50 -22.91
N LEU A 248 -18.72 10.66 -23.04
CA LEU A 248 -19.92 10.96 -22.27
C LEU A 248 -21.14 10.51 -23.04
N TYR A 249 -22.07 9.88 -22.35
CA TYR A 249 -23.33 9.48 -22.96
C TYR A 249 -24.48 9.64 -21.97
N TRP A 250 -25.54 10.29 -22.43
CA TRP A 250 -26.71 10.51 -21.61
C TRP A 250 -28.00 10.15 -22.36
N THR A 251 -29.11 10.15 -21.63
CA THR A 251 -30.41 9.83 -22.18
C THR A 251 -31.48 10.51 -21.34
N ASP A 252 -32.68 10.68 -21.91
CA ASP A 252 -33.82 11.25 -21.18
C ASP A 252 -35.11 10.49 -21.48
N ASN A 253 -35.24 9.28 -20.95
CA ASN A 253 -36.38 8.43 -21.27
C ASN A 253 -37.47 8.54 -20.20
N SER A 254 -38.47 7.66 -20.32
CA SER A 254 -39.60 7.62 -19.39
C SER A 254 -39.18 7.12 -18.02
N LYS A 255 -38.32 6.10 -18.02
CA LYS A 255 -37.88 5.48 -16.77
C LYS A 255 -36.89 6.35 -16.02
N GLU A 256 -36.02 7.03 -16.75
CA GLU A 256 -35.05 7.90 -16.12
C GLU A 256 -34.27 8.79 -17.08
N SER A 257 -33.44 9.63 -16.48
CA SER A 257 -32.46 10.43 -17.19
C SER A 257 -31.14 10.15 -16.51
N MET A 258 -30.11 9.85 -17.28
CA MET A 258 -28.81 9.52 -16.71
C MET A 258 -27.68 9.99 -17.60
N ILE A 259 -26.51 10.15 -16.99
CA ILE A 259 -25.30 10.52 -17.69
C ILE A 259 -24.25 9.46 -17.37
N GLY A 260 -23.42 9.11 -18.34
CA GLY A 260 -22.38 8.13 -18.13
C GLY A 260 -21.06 8.56 -18.71
N LYS A 261 -19.98 8.20 -18.02
CA LYS A 261 -18.62 8.45 -18.49
C LYS A 261 -17.91 7.11 -18.71
N ILE A 262 -17.18 7.00 -19.82
CA ILE A 262 -16.34 5.84 -20.06
C ILE A 262 -15.10 6.28 -20.83
N ARG A 263 -13.94 5.81 -20.38
CA ARG A 263 -12.67 6.22 -20.96
C ARG A 263 -12.03 5.13 -21.80
N VAL A 264 -11.34 5.56 -22.84
CA VAL A 264 -10.47 4.67 -23.61
C VAL A 264 -9.06 5.27 -23.61
N SER A 265 -8.08 4.40 -23.78
CA SER A 265 -6.68 4.78 -23.62
C SER A 265 -5.92 4.72 -24.94
N GLY A 266 -5.00 5.65 -25.12
CA GLY A 266 -4.08 5.59 -26.24
C GLY A 266 -4.61 6.22 -27.50
N ASN A 267 -4.86 5.40 -28.51
CA ASN A 267 -5.22 5.86 -29.84
C ASN A 267 -6.57 5.29 -30.27
N VAL A 268 -7.24 4.61 -29.35
CA VAL A 268 -8.52 3.98 -29.64
C VAL A 268 -9.59 5.03 -29.89
N THR A 269 -10.20 4.97 -31.08
CA THR A 269 -11.15 5.97 -31.53
C THR A 269 -12.57 5.41 -31.66
N THR A 270 -12.81 4.28 -31.01
CA THR A 270 -14.11 3.62 -31.07
C THR A 270 -14.42 2.98 -29.72
N LYS A 271 -15.64 3.19 -29.24
CA LYS A 271 -16.06 2.59 -27.99
C LYS A 271 -17.48 2.04 -28.07
N ASN A 272 -17.60 0.74 -27.86
CA ASN A 272 -18.89 0.09 -27.74
C ASN A 272 -19.38 0.17 -26.30
N ILE A 273 -20.52 0.83 -26.09
CA ILE A 273 -21.06 1.00 -24.75
C ILE A 273 -22.11 -0.07 -24.47
N THR A 274 -21.98 -0.75 -23.33
CA THR A 274 -22.81 -1.91 -23.02
C THR A 274 -23.73 -1.65 -21.82
N GLY A 275 -24.74 -2.50 -21.67
CA GLY A 275 -25.64 -2.42 -20.53
C GLY A 275 -26.71 -1.35 -20.70
N LEU A 276 -26.94 -0.94 -21.95
CA LEU A 276 -27.91 0.11 -22.25
C LEU A 276 -29.34 -0.40 -22.23
N ARG A 277 -30.28 0.54 -22.30
CA ARG A 277 -31.71 0.22 -22.33
C ARG A 277 -32.19 0.06 -23.76
N ALA A 278 -33.06 -0.93 -23.97
CA ALA A 278 -33.57 -1.24 -25.30
C ALA A 278 -34.51 -0.15 -25.84
N ASN A 279 -34.42 0.10 -27.15
CA ASN A 279 -35.29 1.04 -27.84
C ASN A 279 -35.36 2.42 -27.17
N THR A 280 -34.19 3.05 -27.00
CA THR A 280 -34.04 4.28 -26.23
C THR A 280 -33.14 5.26 -26.96
N ILE A 281 -33.44 6.55 -26.86
CA ILE A 281 -32.59 7.58 -27.45
C ILE A 281 -31.41 7.90 -26.54
N TYR A 282 -30.20 7.84 -27.11
CA TYR A 282 -28.98 8.13 -26.37
C TYR A 282 -28.15 9.17 -27.12
N PHE A 283 -27.55 10.10 -26.38
CA PHE A 283 -26.61 11.06 -26.95
C PHE A 283 -25.19 10.71 -26.53
N ALA A 284 -24.23 11.04 -27.39
CA ALA A 284 -22.83 10.91 -27.03
C ALA A 284 -22.08 12.22 -27.27
N SER A 285 -20.82 12.22 -26.86
CA SER A 285 -19.96 13.40 -26.90
C SER A 285 -18.62 12.96 -26.36
N VAL A 286 -17.54 13.43 -26.99
CA VAL A 286 -16.21 12.94 -26.68
C VAL A 286 -15.28 14.08 -26.35
N ARG A 287 -14.34 13.82 -25.46
CA ARG A 287 -13.30 14.79 -25.13
C ARG A 287 -12.00 14.08 -24.77
N ALA A 288 -10.89 14.72 -25.12
CA ALA A 288 -9.57 14.21 -24.83
C ALA A 288 -9.22 14.44 -23.36
N TYR A 289 -8.39 13.55 -22.81
CA TYR A 289 -7.91 13.71 -21.44
C TYR A 289 -6.41 13.47 -21.38
N ASN A 290 -5.78 14.04 -20.36
CA ASN A 290 -4.42 13.67 -19.96
C ASN A 290 -4.38 13.69 -18.44
N THR A 291 -3.19 13.69 -17.84
CA THR A 291 -3.10 13.58 -16.38
C THR A 291 -3.74 14.77 -15.69
N ALA A 292 -3.88 15.88 -16.42
CA ALA A 292 -4.33 17.14 -15.83
C ALA A 292 -5.84 17.32 -15.92
N GLY A 293 -6.52 16.42 -16.61
CA GLY A 293 -7.96 16.51 -16.80
C GLY A 293 -8.37 16.44 -18.26
N THR A 294 -9.59 16.84 -18.53
CA THR A 294 -10.15 16.79 -19.88
C THR A 294 -10.12 18.14 -20.56
N GLY A 295 -10.14 18.12 -21.89
CA GLY A 295 -10.30 19.31 -22.68
C GLY A 295 -11.77 19.47 -23.07
N PRO A 296 -12.06 20.27 -24.10
CA PRO A 296 -13.43 20.57 -24.53
C PRO A 296 -14.16 19.40 -25.17
N SER A 297 -15.47 19.35 -24.99
CA SER A 297 -16.30 18.31 -25.58
C SER A 297 -16.54 18.54 -27.06
N SER A 298 -16.77 17.45 -27.78
CA SER A 298 -17.12 17.51 -29.18
C SER A 298 -18.58 17.88 -29.33
N LEU A 299 -19.04 17.96 -30.57
CA LEU A 299 -20.46 18.19 -30.84
C LEU A 299 -21.22 16.89 -30.62
N PRO A 300 -22.35 16.95 -29.89
CA PRO A 300 -23.06 15.70 -29.63
C PRO A 300 -23.74 15.08 -30.84
N VAL A 301 -23.92 13.77 -30.77
CA VAL A 301 -24.60 13.00 -31.79
C VAL A 301 -25.61 12.14 -31.03
N ASN A 302 -26.50 11.46 -31.73
CA ASN A 302 -27.44 10.56 -31.08
C ASN A 302 -27.85 9.41 -31.98
N VAL A 303 -28.39 8.37 -31.35
CA VAL A 303 -28.93 7.22 -32.05
C VAL A 303 -30.06 6.65 -31.22
N THR A 304 -30.56 5.50 -31.66
CA THR A 304 -31.62 4.82 -30.94
C THR A 304 -31.35 3.33 -30.88
N THR A 305 -31.56 2.75 -29.70
CA THR A 305 -31.22 1.34 -29.47
C THR A 305 -32.17 0.44 -30.24
N LYS A 306 -31.72 -0.79 -30.48
CA LYS A 306 -32.54 -1.78 -31.18
C LYS A 306 -33.73 -2.23 -30.34
N PRO B 1 27.57 10.57 46.31
CA PRO B 1 27.72 9.33 47.07
C PRO B 1 27.29 8.11 46.27
N GLY B 2 28.21 7.55 45.47
CA GLY B 2 27.94 6.36 44.69
C GLY B 2 28.27 6.49 43.22
N SER B 3 28.08 5.39 42.49
CA SER B 3 28.27 5.36 41.05
C SER B 3 27.07 4.65 40.42
N PRO B 4 26.90 4.78 39.09
CA PRO B 4 25.80 4.05 38.45
C PRO B 4 25.95 2.54 38.66
N PRO B 5 24.86 1.78 38.57
CA PRO B 5 24.95 0.37 38.93
C PRO B 5 25.80 -0.45 37.98
N GLY B 6 26.40 -1.52 38.49
CA GLY B 6 27.07 -2.49 37.66
C GLY B 6 26.01 -3.23 36.86
N PRO B 7 26.41 -3.88 35.76
CA PRO B 7 25.40 -4.54 34.93
C PRO B 7 24.77 -5.75 35.62
N PRO B 8 23.47 -5.99 35.37
CA PRO B 8 22.81 -7.21 35.87
C PRO B 8 23.51 -8.47 35.37
N GLU B 9 23.23 -9.60 36.02
CA GLU B 9 23.90 -10.85 35.70
C GLU B 9 22.91 -11.99 35.57
N ASP B 10 23.36 -13.11 35.01
CA ASP B 10 22.55 -14.32 34.88
C ASP B 10 21.18 -14.05 34.26
N VAL B 11 21.18 -13.33 33.14
CA VAL B 11 19.96 -13.09 32.40
C VAL B 11 19.55 -14.38 31.70
N LYS B 12 18.39 -14.90 32.09
CA LYS B 12 17.90 -16.18 31.57
C LYS B 12 16.51 -16.01 30.98
N VAL B 13 16.20 -16.79 29.95
CA VAL B 13 14.85 -16.84 29.42
C VAL B 13 14.15 -18.05 30.03
N GLU B 14 13.14 -17.78 30.86
CA GLU B 14 12.45 -18.83 31.58
C GLU B 14 11.46 -19.57 30.69
N HIS B 15 10.81 -18.82 29.80
CA HIS B 15 9.81 -19.37 28.89
C HIS B 15 9.61 -18.42 27.73
N ILE B 16 9.19 -18.96 26.59
CA ILE B 16 9.03 -18.15 25.39
C ILE B 16 7.87 -18.64 24.54
N SER B 17 6.93 -17.73 24.25
CA SER B 17 5.79 -18.04 23.39
C SER B 17 6.07 -17.46 22.01
N SER B 18 5.02 -17.00 21.33
CA SER B 18 5.17 -16.48 19.98
C SER B 18 5.46 -14.98 19.99
N THR B 19 4.88 -14.27 20.97
CA THR B 19 4.94 -12.81 21.01
C THR B 19 5.39 -12.30 22.38
N THR B 20 5.72 -13.21 23.28
CA THR B 20 6.24 -12.84 24.60
C THR B 20 7.31 -13.82 25.05
N SER B 21 8.05 -13.42 26.08
CA SER B 21 8.94 -14.33 26.78
C SER B 21 9.06 -13.94 28.24
N GLN B 22 9.27 -14.94 29.08
CA GLN B 22 9.46 -14.72 30.51
C GLN B 22 10.95 -14.61 30.78
N LEU B 23 11.34 -13.51 31.40
CA LEU B 23 12.76 -13.21 31.58
C LEU B 23 13.10 -12.98 33.04
N SER B 24 14.28 -13.44 33.44
CA SER B 24 14.76 -13.24 34.80
C SER B 24 16.21 -12.77 34.81
N TRP B 25 16.61 -12.15 35.90
CA TRP B 25 17.99 -11.68 36.04
C TRP B 25 18.35 -11.51 37.52
N ARG B 26 19.60 -11.18 37.76
CA ARG B 26 20.07 -10.81 39.09
C ARG B 26 20.65 -9.41 39.06
N PRO B 27 20.52 -8.68 40.18
CA PRO B 27 21.12 -7.34 40.25
C PRO B 27 22.64 -7.38 40.27
N GLY B 28 23.27 -6.38 39.68
CA GLY B 28 24.70 -6.18 39.86
C GLY B 28 24.86 -5.29 41.08
N PRO B 29 26.09 -4.91 41.41
CA PRO B 29 26.26 -4.03 42.58
C PRO B 29 25.55 -2.70 42.36
N ASP B 30 24.98 -2.13 43.42
CA ASP B 30 24.28 -0.85 43.30
C ASP B 30 25.26 0.32 43.42
N ASN B 31 26.48 0.02 43.87
CA ASN B 31 27.51 1.03 44.05
C ASN B 31 27.07 2.17 44.97
N ASN B 32 26.57 1.79 46.15
CA ASN B 32 26.25 2.73 47.22
C ASN B 32 25.14 3.73 46.88
N SER B 33 24.38 3.43 45.82
CA SER B 33 23.13 4.14 45.57
C SER B 33 22.11 3.13 45.06
N PRO B 34 21.00 2.95 45.80
CA PRO B 34 20.06 1.87 45.48
C PRO B 34 19.50 1.93 44.06
N ILE B 35 19.46 0.78 43.40
CA ILE B 35 18.89 0.70 42.05
C ILE B 35 17.43 1.09 42.08
N GLN B 36 17.02 1.91 41.13
CA GLN B 36 15.66 2.43 41.07
C GLN B 36 14.85 1.86 39.91
N ILE B 37 15.55 1.32 38.92
CA ILE B 37 14.88 0.90 37.69
C ILE B 37 15.68 -0.12 36.89
N PHE B 38 14.98 -1.12 36.37
CA PHE B 38 15.53 -2.02 35.37
C PHE B 38 14.83 -1.76 34.03
N THR B 39 15.60 -1.84 32.95
CA THR B 39 15.05 -1.68 31.61
C THR B 39 15.61 -2.80 30.74
N ILE B 40 14.82 -3.26 29.76
CA ILE B 40 15.20 -4.41 28.95
C ILE B 40 15.31 -4.03 27.48
N GLN B 41 16.30 -4.60 26.82
CA GLN B 41 16.52 -4.36 25.40
C GLN B 41 16.71 -5.68 24.67
N THR B 42 16.39 -5.66 23.38
CA THR B 42 16.46 -6.85 22.57
C THR B 42 17.25 -6.60 21.29
N ARG B 43 17.82 -7.67 20.74
CA ARG B 43 18.51 -7.62 19.48
C ARG B 43 18.07 -8.78 18.62
N THR B 44 17.92 -8.54 17.32
CA THR B 44 17.56 -9.59 16.39
C THR B 44 18.47 -9.56 15.17
N PRO B 45 18.50 -10.66 14.42
CA PRO B 45 19.22 -10.75 13.14
C PRO B 45 18.86 -9.63 12.17
N PHE B 46 17.61 -9.18 12.20
CA PHE B 46 17.12 -8.18 11.25
C PHE B 46 17.33 -6.77 11.75
N SER B 47 17.04 -6.53 13.02
CA SER B 47 17.15 -5.20 13.60
C SER B 47 18.61 -4.78 13.75
N VAL B 48 18.83 -3.47 13.75
CA VAL B 48 20.16 -2.91 13.95
C VAL B 48 20.40 -2.69 15.45
N GLY B 49 21.46 -3.28 15.96
CA GLY B 49 21.81 -3.16 17.37
C GLY B 49 20.68 -3.53 18.32
N TRP B 50 20.58 -2.77 19.41
CA TRP B 50 19.66 -3.07 20.50
C TRP B 50 18.49 -2.09 20.56
N GLN B 51 17.28 -2.62 20.72
CA GLN B 51 16.08 -1.81 20.84
C GLN B 51 15.44 -2.01 22.20
N ALA B 52 14.91 -0.95 22.78
CA ALA B 52 14.12 -1.08 23.99
C ALA B 52 12.84 -1.83 23.63
N VAL B 53 12.40 -2.71 24.53
CA VAL B 53 11.18 -3.49 24.31
C VAL B 53 10.26 -3.34 25.50
N ALA B 54 8.96 -3.57 25.28
CA ALA B 54 7.96 -3.34 26.32
C ALA B 54 7.89 -4.49 27.31
N THR B 55 7.57 -4.17 28.56
CA THR B 55 7.53 -5.15 29.63
C THR B 55 6.23 -5.13 30.41
N VAL B 56 5.83 -6.30 30.91
CA VAL B 56 4.82 -6.40 31.95
C VAL B 56 5.52 -6.96 33.19
N PRO B 57 5.60 -6.16 34.27
CA PRO B 57 5.04 -4.82 34.46
C PRO B 57 5.67 -3.73 33.62
N GLU B 58 4.87 -2.71 33.33
CA GLU B 58 5.24 -1.59 32.46
C GLU B 58 6.54 -0.94 32.88
N ILE B 59 6.67 -0.75 34.19
CA ILE B 59 7.86 -0.17 34.78
C ILE B 59 8.44 -1.15 35.79
N LEU B 60 9.73 -1.45 35.62
CA LEU B 60 10.43 -2.40 36.47
C LEU B 60 11.21 -1.68 37.55
N ASN B 61 10.77 -1.81 38.80
CA ASN B 61 11.46 -1.15 39.90
C ASN B 61 12.73 -1.93 40.25
N GLY B 62 13.48 -1.42 41.22
CA GLY B 62 14.76 -2.01 41.56
C GLY B 62 14.69 -3.28 42.39
N GLN B 63 13.46 -3.75 42.63
CA GLN B 63 13.24 -5.02 43.32
C GLN B 63 12.68 -6.08 42.39
N THR B 64 12.42 -5.69 41.15
CA THR B 64 11.86 -6.59 40.16
C THR B 64 12.98 -7.31 39.41
N TYR B 65 13.06 -8.62 39.59
CA TYR B 65 14.10 -9.44 38.97
C TYR B 65 13.50 -10.46 38.01
N ASN B 66 12.21 -10.26 37.70
CA ASN B 66 11.49 -11.05 36.71
C ASN B 66 10.64 -10.12 35.88
N ALA B 67 10.34 -10.52 34.64
CA ALA B 67 9.46 -9.71 33.80
C ALA B 67 8.97 -10.48 32.60
N THR B 68 7.90 -9.97 31.99
CA THR B 68 7.40 -10.49 30.73
C THR B 68 7.62 -9.47 29.63
N VAL B 69 8.48 -9.82 28.70
CA VAL B 69 8.70 -9.02 27.50
C VAL B 69 7.54 -9.29 26.55
N VAL B 70 6.96 -8.23 26.00
CA VAL B 70 5.81 -8.35 25.12
C VAL B 70 6.05 -7.66 23.79
N GLY B 71 5.24 -7.99 22.79
CA GLY B 71 5.35 -7.41 21.48
C GLY B 71 6.52 -7.96 20.67
N LEU B 72 6.87 -9.22 20.92
CA LEU B 72 7.89 -9.88 20.12
C LEU B 72 7.29 -10.37 18.81
N SER B 73 8.15 -10.67 17.84
CA SER B 73 7.69 -11.18 16.55
C SER B 73 7.84 -12.70 16.49
N PRO B 74 6.81 -13.41 16.00
CA PRO B 74 6.90 -14.87 15.89
C PRO B 74 8.03 -15.36 14.99
N TRP B 75 8.62 -16.51 15.34
CA TRP B 75 9.66 -17.16 14.54
C TRP B 75 10.85 -16.26 14.29
N VAL B 76 11.30 -15.56 15.34
CA VAL B 76 12.50 -14.72 15.25
C VAL B 76 13.48 -15.05 16.36
N GLU B 77 14.75 -15.15 15.98
CA GLU B 77 15.82 -15.39 16.94
C GLU B 77 16.03 -14.13 17.77
N TYR B 78 15.79 -14.25 19.07
CA TYR B 78 15.84 -13.11 19.97
C TYR B 78 16.96 -13.21 21.01
N GLU B 79 17.56 -12.06 21.28
CA GLU B 79 18.54 -11.91 22.36
C GLU B 79 18.06 -10.80 23.27
N PHE B 80 18.05 -11.03 24.58
CA PHE B 80 17.64 -10.02 25.55
C PHE B 80 18.79 -9.65 26.48
N ARG B 81 18.83 -8.37 26.89
CA ARG B 81 19.75 -7.92 27.91
C ARG B 81 19.05 -6.91 28.82
N VAL B 82 19.63 -6.65 29.98
CA VAL B 82 19.02 -5.82 31.00
C VAL B 82 19.97 -4.71 31.47
N VAL B 83 19.41 -3.53 31.75
CA VAL B 83 20.19 -2.40 32.25
C VAL B 83 19.55 -1.86 33.53
N ALA B 84 20.39 -1.35 34.44
CA ALA B 84 19.91 -0.85 35.73
C ALA B 84 20.14 0.65 35.88
N GLY B 85 19.26 1.31 36.63
CA GLY B 85 19.36 2.74 36.86
C GLY B 85 19.49 3.14 38.32
N ASN B 86 20.43 4.05 38.56
CA ASN B 86 20.60 4.69 39.87
C ASN B 86 19.92 6.05 39.90
N ASN B 87 19.99 6.71 41.07
CA ASN B 87 19.75 8.15 41.16
C ASN B 87 20.86 8.87 40.42
N ILE B 88 22.03 8.26 40.45
CA ILE B 88 23.26 8.80 39.89
C ILE B 88 23.37 8.63 38.37
N GLY B 89 22.99 7.46 37.87
CA GLY B 89 23.08 7.23 36.44
C GLY B 89 22.60 5.88 35.97
N ILE B 90 22.69 5.68 34.66
CA ILE B 90 22.37 4.42 34.02
C ILE B 90 23.64 3.61 33.84
N GLY B 91 23.63 2.37 34.34
CA GLY B 91 24.80 1.54 34.32
C GLY B 91 25.02 0.84 33.00
N GLU B 92 26.13 0.11 32.90
CA GLU B 92 26.43 -0.67 31.71
C GLU B 92 25.42 -1.80 31.57
N PRO B 93 25.14 -2.23 30.33
CA PRO B 93 24.20 -3.33 30.13
C PRO B 93 24.78 -4.71 30.47
N SER B 94 23.88 -5.67 30.70
CA SER B 94 24.27 -7.03 31.03
C SER B 94 24.81 -7.75 29.81
N LYS B 95 25.42 -8.90 30.03
CA LYS B 95 25.71 -9.81 28.94
C LYS B 95 24.38 -10.34 28.45
N PRO B 96 24.27 -10.65 27.17
CA PRO B 96 22.96 -11.07 26.62
C PRO B 96 22.58 -12.49 26.97
N SER B 97 21.27 -12.74 27.04
CA SER B 97 20.75 -14.09 27.22
C SER B 97 21.17 -14.96 26.04
N GLU B 98 21.07 -16.27 26.20
CA GLU B 98 21.39 -17.16 25.10
C GLU B 98 20.36 -17.01 23.99
N LEU B 99 20.82 -16.95 22.75
CA LEU B 99 19.95 -16.76 21.60
C LEU B 99 18.88 -17.83 21.55
N LEU B 100 17.64 -17.40 21.29
CA LEU B 100 16.48 -18.28 21.37
C LEU B 100 15.35 -17.75 20.48
N ARG B 101 14.76 -18.65 19.69
CA ARG B 101 13.72 -18.26 18.75
C ARG B 101 12.32 -18.37 19.35
N THR B 102 11.49 -17.38 19.04
CA THR B 102 10.09 -17.40 19.44
C THR B 102 9.33 -18.48 18.69
N LYS B 103 8.23 -18.94 19.27
CA LYS B 103 7.40 -19.96 18.63
C LYS B 103 6.71 -19.37 17.41
N ALA B 104 6.33 -20.24 16.47
CA ALA B 104 5.75 -19.81 15.21
C ALA B 104 4.26 -19.47 15.36
N SER B 105 3.72 -18.85 14.33
CA SER B 105 2.35 -18.34 14.37
C SER B 105 1.98 -17.93 12.95
N VAL B 106 0.69 -17.89 12.62
CA VAL B 106 0.30 -17.52 11.26
C VAL B 106 0.74 -16.09 10.99
N PRO B 107 1.11 -15.79 9.73
CA PRO B 107 1.66 -14.48 9.41
C PRO B 107 0.56 -13.41 9.31
N ASN B 108 0.71 -12.33 10.06
CA ASN B 108 -0.40 -11.38 10.23
C ASN B 108 -0.19 -10.06 9.49
N VAL B 109 0.64 -10.10 8.45
CA VAL B 109 0.86 -8.94 7.59
C VAL B 109 0.80 -9.35 6.13
N ALA B 110 -0.16 -8.77 5.41
CA ALA B 110 -0.31 -9.03 3.99
C ALA B 110 0.56 -8.05 3.20
N PRO B 111 1.06 -8.49 2.04
CA PRO B 111 1.98 -7.67 1.24
C PRO B 111 1.34 -6.36 0.77
N GLY B 112 2.18 -5.39 0.42
CA GLY B 112 1.71 -4.10 -0.03
C GLY B 112 1.98 -3.89 -1.51
N ASN B 113 1.44 -2.80 -2.05
CA ASN B 113 1.65 -2.42 -3.44
C ASN B 113 1.09 -3.47 -4.41
N ILE B 114 -0.15 -3.89 -4.17
CA ILE B 114 -0.82 -4.83 -5.05
C ILE B 114 -1.06 -4.15 -6.39
N ASN B 115 -0.65 -4.82 -7.47
CA ASN B 115 -0.69 -4.22 -8.79
C ASN B 115 -0.79 -5.30 -9.85
N GLY B 116 -0.67 -4.90 -11.11
CA GLY B 116 -0.74 -5.85 -12.20
C GLY B 116 -0.97 -5.21 -13.54
N GLY B 117 -1.18 -6.05 -14.55
CA GLY B 117 -1.39 -5.59 -15.91
C GLY B 117 -0.33 -6.13 -16.84
N GLY B 118 -0.56 -6.01 -18.14
CA GLY B 118 0.35 -6.53 -19.13
C GLY B 118 0.06 -7.98 -19.45
N GLY B 119 0.85 -8.54 -20.36
CA GLY B 119 0.63 -9.90 -20.83
C GLY B 119 -0.20 -9.95 -22.09
N SER B 120 -0.34 -11.13 -22.65
CA SER B 120 -1.13 -11.34 -23.85
C SER B 120 -2.62 -11.29 -23.52
N ARG B 121 -3.46 -11.48 -24.54
CA ARG B 121 -4.90 -11.34 -24.41
C ARG B 121 -5.52 -12.23 -23.33
N SER B 122 -4.83 -13.32 -23.02
CA SER B 122 -5.36 -14.34 -22.10
C SER B 122 -4.48 -14.52 -20.86
N GLU B 123 -3.80 -13.46 -20.47
CA GLU B 123 -2.93 -13.48 -19.30
C GLU B 123 -3.41 -12.48 -18.25
N LEU B 124 -3.20 -12.80 -16.99
CA LEU B 124 -3.42 -11.87 -15.89
C LEU B 124 -2.16 -11.83 -15.05
N VAL B 125 -1.54 -10.67 -15.00
CA VAL B 125 -0.26 -10.52 -14.31
C VAL B 125 -0.47 -9.70 -13.04
N ILE B 126 -0.13 -10.30 -11.91
CA ILE B 126 -0.30 -9.67 -10.61
C ILE B 126 1.02 -9.53 -9.91
N THR B 127 1.22 -8.39 -9.24
CA THR B 127 2.47 -8.13 -8.52
C THR B 127 2.20 -7.52 -7.16
N TRP B 128 3.20 -7.58 -6.29
CA TRP B 128 3.11 -7.02 -4.96
C TRP B 128 4.52 -6.80 -4.41
N GLU B 129 4.60 -6.05 -3.31
CA GLU B 129 5.89 -5.85 -2.64
C GLU B 129 6.07 -6.93 -1.59
N ALA B 130 7.06 -7.79 -1.80
CA ALA B 130 7.41 -8.83 -0.85
C ALA B 130 7.49 -8.28 0.57
N ILE B 131 6.97 -9.02 1.54
CA ILE B 131 6.98 -8.56 2.92
C ILE B 131 8.38 -8.72 3.52
N PRO B 132 8.69 -7.96 4.58
CA PRO B 132 9.95 -8.13 5.30
C PRO B 132 10.13 -9.55 5.83
N GLU B 133 11.35 -10.08 5.73
CA GLU B 133 11.66 -11.44 6.12
C GLU B 133 11.26 -11.76 7.56
N GLU B 134 11.27 -10.75 8.42
CA GLU B 134 10.98 -10.95 9.85
C GLU B 134 9.49 -11.10 10.14
N LEU B 135 8.66 -11.12 9.10
CA LEU B 135 7.21 -11.18 9.26
C LEU B 135 6.60 -12.47 8.73
N GLN B 136 7.46 -13.41 8.33
CA GLN B 136 7.00 -14.72 7.87
C GLN B 136 6.36 -15.52 9.00
N ASN B 137 6.90 -15.38 10.21
CA ASN B 137 6.33 -15.95 11.43
C ASN B 137 6.32 -17.49 11.46
N GLY B 138 7.13 -18.11 10.62
CA GLY B 138 7.19 -19.56 10.60
C GLY B 138 7.81 -20.09 9.33
N GLU B 139 8.09 -21.39 9.31
CA GLU B 139 8.56 -22.06 8.11
C GLU B 139 7.43 -22.23 7.10
N GLY B 140 7.81 -22.37 5.83
CA GLY B 140 6.85 -22.65 4.78
C GLY B 140 6.04 -21.43 4.38
N PHE B 141 6.61 -20.24 4.54
CA PHE B 141 5.90 -19.01 4.21
C PHE B 141 5.53 -19.00 2.73
N GLY B 142 4.43 -18.34 2.40
CA GLY B 142 4.03 -18.18 1.01
C GLY B 142 2.96 -17.13 0.85
N TYR B 143 2.64 -16.83 -0.41
CA TYR B 143 1.61 -15.87 -0.74
C TYR B 143 0.41 -16.58 -1.35
N ILE B 144 -0.78 -16.13 -0.99
CA ILE B 144 -2.01 -16.61 -1.60
C ILE B 144 -2.55 -15.54 -2.54
N VAL B 145 -2.42 -15.77 -3.85
CA VAL B 145 -2.94 -14.83 -4.83
C VAL B 145 -4.41 -15.16 -5.10
N MET B 146 -5.25 -14.16 -4.91
CA MET B 146 -6.70 -14.32 -5.04
C MET B 146 -7.25 -13.36 -6.07
N PHE B 147 -8.06 -13.87 -6.98
CA PHE B 147 -8.64 -13.03 -8.02
C PHE B 147 -9.94 -13.57 -8.58
N ARG B 148 -10.73 -12.65 -9.11
CA ARG B 148 -11.96 -12.97 -9.81
C ARG B 148 -12.38 -11.80 -10.68
N PRO B 149 -13.09 -12.08 -11.78
CA PRO B 149 -13.64 -11.00 -12.60
C PRO B 149 -14.48 -10.06 -11.74
N VAL B 150 -14.54 -8.78 -12.11
CA VAL B 150 -15.37 -7.83 -11.39
C VAL B 150 -16.85 -8.22 -11.47
N GLY B 151 -17.53 -8.15 -10.33
CA GLY B 151 -18.96 -8.45 -10.26
C GLY B 151 -19.27 -9.92 -10.06
N THR B 152 -18.24 -10.70 -9.75
CA THR B 152 -18.31 -12.16 -9.68
C THR B 152 -18.11 -12.58 -8.23
N THR B 153 -18.47 -13.81 -7.88
CA THR B 153 -18.51 -14.23 -6.48
C THR B 153 -17.31 -15.10 -6.10
N ALA B 154 -17.08 -16.15 -6.88
CA ALA B 154 -16.07 -17.15 -6.53
C ALA B 154 -14.66 -16.64 -6.78
N TRP B 155 -13.79 -16.84 -5.79
CA TRP B 155 -12.38 -16.53 -5.91
C TRP B 155 -11.62 -17.69 -6.53
N MET B 156 -10.63 -17.39 -7.35
CA MET B 156 -9.61 -18.38 -7.69
C MET B 156 -8.38 -18.08 -6.85
N LYS B 157 -8.00 -19.04 -6.04
CA LYS B 157 -6.91 -18.87 -5.08
C LYS B 157 -5.74 -19.72 -5.54
N GLU B 158 -4.53 -19.19 -5.52
CA GLU B 158 -3.35 -20.02 -5.70
C GLU B 158 -2.23 -19.65 -4.74
N ARG B 159 -1.57 -20.68 -4.22
CA ARG B 159 -0.42 -20.52 -3.34
C ARG B 159 0.84 -20.24 -4.15
N VAL B 160 1.60 -19.22 -3.74
CA VAL B 160 2.92 -18.94 -4.31
C VAL B 160 3.98 -18.99 -3.18
N ALA B 161 4.83 -20.01 -3.23
CA ALA B 161 5.83 -20.22 -2.19
C ALA B 161 6.92 -19.13 -2.13
N LEU B 162 7.49 -18.94 -0.94
CA LEU B 162 8.68 -18.09 -0.68
C LEU B 162 8.35 -16.60 -0.50
N VAL B 163 8.92 -16.03 0.56
CA VAL B 163 8.68 -14.63 0.94
C VAL B 163 9.20 -13.61 -0.08
N GLU B 164 10.11 -14.03 -0.96
CA GLU B 164 10.70 -13.11 -1.92
C GLU B 164 9.86 -12.98 -3.17
N SER B 165 9.06 -14.00 -3.44
CA SER B 165 8.18 -14.00 -4.61
C SER B 165 7.31 -12.75 -4.58
N SER B 166 7.20 -12.08 -5.73
CA SER B 166 6.54 -10.79 -5.80
C SER B 166 5.73 -10.64 -7.08
N LYS B 167 5.58 -11.74 -7.83
CA LYS B 167 4.87 -11.71 -9.10
C LYS B 167 4.22 -13.05 -9.41
N PHE B 168 2.99 -12.97 -9.91
CA PHE B 168 2.23 -14.15 -10.30
C PHE B 168 1.57 -13.91 -11.65
N ILE B 169 1.68 -14.89 -12.53
CA ILE B 169 1.07 -14.80 -13.86
C ILE B 169 0.10 -15.96 -14.06
N TYR B 170 -1.17 -15.62 -14.28
CA TYR B 170 -2.18 -16.62 -14.57
C TYR B 170 -2.49 -16.63 -16.05
N ARG B 171 -2.61 -17.84 -16.62
CA ARG B 171 -2.90 -18.02 -18.04
C ARG B 171 -4.12 -18.89 -18.22
N ASN B 172 -5.07 -18.41 -19.03
CA ASN B 172 -6.29 -19.15 -19.28
C ASN B 172 -7.01 -18.64 -20.52
N GLU B 173 -7.38 -19.58 -21.39
CA GLU B 173 -7.89 -19.25 -22.71
C GLU B 173 -9.24 -18.54 -22.62
N SER B 174 -9.90 -18.70 -21.48
CA SER B 174 -11.22 -18.12 -21.27
C SER B 174 -11.16 -16.63 -20.94
N ILE B 175 -10.01 -16.18 -20.45
CA ILE B 175 -9.81 -14.77 -20.11
C ILE B 175 -9.95 -13.86 -21.31
N MET B 176 -10.70 -12.77 -21.13
CA MET B 176 -10.84 -11.75 -22.17
C MET B 176 -9.79 -10.64 -21.99
N PRO B 177 -9.43 -9.95 -23.09
CA PRO B 177 -8.44 -8.86 -23.04
C PRO B 177 -8.88 -7.62 -22.26
N LEU B 178 -7.95 -7.04 -21.48
CA LEU B 178 -8.20 -5.79 -20.77
C LEU B 178 -9.46 -5.86 -19.91
N SER B 179 -9.64 -7.00 -19.24
CA SER B 179 -10.80 -7.22 -18.39
C SER B 179 -10.45 -6.96 -16.94
N PRO B 180 -11.32 -6.24 -16.21
CA PRO B 180 -10.99 -5.90 -14.82
C PRO B 180 -11.16 -7.10 -13.90
N PHE B 181 -10.19 -7.28 -13.00
CA PHE B 181 -10.26 -8.33 -11.99
C PHE B 181 -10.06 -7.71 -10.62
N GLU B 182 -10.89 -8.09 -9.66
CA GLU B 182 -10.61 -7.73 -8.28
C GLU B 182 -9.63 -8.76 -7.74
N VAL B 183 -8.52 -8.27 -7.20
CA VAL B 183 -7.45 -9.13 -6.71
C VAL B 183 -7.01 -8.71 -5.32
N LYS B 184 -6.74 -9.70 -4.47
CA LYS B 184 -6.21 -9.47 -3.14
C LYS B 184 -5.14 -10.52 -2.89
N VAL B 185 -4.17 -10.20 -2.04
CA VAL B 185 -3.04 -11.10 -1.82
C VAL B 185 -2.83 -11.36 -0.33
N GLY B 186 -2.93 -12.64 0.05
CA GLY B 186 -2.76 -13.04 1.43
C GLY B 186 -1.46 -13.77 1.67
N VAL B 187 -1.20 -14.08 2.92
CA VAL B 187 0.02 -14.77 3.34
C VAL B 187 -0.33 -16.03 4.12
N TYR B 188 0.58 -17.00 4.08
CA TYR B 188 0.41 -18.24 4.83
C TYR B 188 1.76 -18.82 5.20
N ASN B 189 1.79 -19.69 6.19
CA ASN B 189 2.95 -20.52 6.46
C ASN B 189 2.51 -21.88 6.98
N ASN B 190 3.43 -22.67 7.50
CA ASN B 190 3.09 -23.99 8.02
C ASN B 190 2.06 -23.95 9.16
N GLU B 191 1.83 -22.77 9.74
CA GLU B 191 0.87 -22.64 10.83
C GLU B 191 -0.55 -22.40 10.33
N GLY B 192 -0.68 -21.99 9.07
CA GLY B 192 -1.99 -21.79 8.46
C GLY B 192 -2.12 -20.47 7.73
N GLU B 193 -3.34 -20.11 7.37
CA GLU B 193 -3.59 -18.88 6.64
C GLU B 193 -3.50 -17.68 7.56
N GLY B 194 -2.94 -16.59 7.02
CA GLY B 194 -2.80 -15.35 7.77
C GLY B 194 -3.63 -14.26 7.17
N SER B 195 -3.11 -13.03 7.21
CA SER B 195 -3.85 -11.86 6.77
C SER B 195 -4.09 -11.84 5.27
N LEU B 196 -5.12 -11.09 4.87
CA LEU B 196 -5.39 -10.80 3.47
C LEU B 196 -5.27 -9.30 3.24
N SER B 197 -4.89 -8.94 2.02
CA SER B 197 -4.76 -7.54 1.67
C SER B 197 -6.13 -6.96 1.37
N THR B 198 -6.15 -5.65 1.12
CA THR B 198 -7.35 -4.99 0.61
C THR B 198 -7.42 -5.22 -0.89
N VAL B 199 -8.63 -5.30 -1.43
CA VAL B 199 -8.84 -5.60 -2.84
C VAL B 199 -8.36 -4.46 -3.74
N THR B 200 -7.85 -4.82 -4.91
CA THR B 200 -7.44 -3.86 -5.94
C THR B 200 -7.94 -4.37 -7.29
N ILE B 201 -8.06 -3.46 -8.27
CA ILE B 201 -8.47 -3.85 -9.63
C ILE B 201 -7.24 -3.87 -10.52
N VAL B 202 -7.01 -5.00 -11.18
CA VAL B 202 -5.97 -5.10 -12.19
C VAL B 202 -6.55 -5.70 -13.45
N TYR B 203 -6.15 -5.17 -14.60
CA TYR B 203 -6.70 -5.61 -15.87
C TYR B 203 -5.84 -6.68 -16.51
N SER B 204 -6.49 -7.58 -17.25
CA SER B 204 -5.79 -8.63 -17.95
C SER B 204 -5.05 -8.04 -19.16
N GLY B 205 -4.25 -8.87 -19.81
CA GLY B 205 -3.37 -8.40 -20.86
C GLY B 205 -4.09 -8.06 -22.16
N GLU B 206 -3.31 -7.96 -23.23
CA GLU B 206 -3.84 -7.57 -24.53
C GLU B 206 -2.86 -7.95 -25.63
N ASP B 207 -3.32 -7.88 -26.87
CA ASP B 207 -2.45 -8.11 -28.02
C ASP B 207 -1.48 -6.94 -28.17
N GLU B 208 -0.21 -7.25 -28.40
CA GLU B 208 0.79 -6.22 -28.70
C GLU B 208 0.38 -5.45 -29.93
N PRO B 209 0.96 -4.25 -30.13
CA PRO B 209 0.68 -3.56 -31.40
C PRO B 209 1.16 -4.38 -32.60
N GLN B 210 0.43 -4.31 -33.70
CA GLN B 210 0.68 -5.15 -34.87
C GLN B 210 1.39 -4.42 -36.00
N LEU B 211 1.40 -3.09 -35.93
CA LEU B 211 1.95 -2.26 -37.01
C LEU B 211 3.10 -1.40 -36.51
N ALA B 212 4.06 -1.12 -37.39
CA ALA B 212 5.12 -0.18 -37.08
C ALA B 212 4.67 1.23 -37.46
N PRO B 213 5.24 2.25 -36.78
CA PRO B 213 4.95 3.63 -37.17
C PRO B 213 5.48 3.96 -38.56
N ARG B 214 4.68 4.69 -39.34
CA ARG B 214 5.07 5.09 -40.69
C ARG B 214 5.59 6.51 -40.71
N GLY B 215 6.16 6.90 -41.86
CA GLY B 215 6.59 8.26 -42.08
C GLY B 215 7.61 8.74 -41.05
N THR B 216 8.48 7.85 -40.61
CA THR B 216 9.47 8.19 -39.59
C THR B 216 10.61 8.95 -40.25
N SER B 217 11.07 10.01 -39.59
CA SER B 217 12.14 10.85 -40.12
C SER B 217 12.87 11.52 -38.97
N VAL B 218 14.12 11.94 -39.21
CA VAL B 218 14.92 12.56 -38.17
C VAL B 218 15.71 13.76 -38.71
N GLN B 219 15.71 14.83 -37.92
CA GLN B 219 16.45 16.05 -38.25
C GLN B 219 17.47 16.37 -37.17
N SER B 220 18.41 17.27 -37.49
CA SER B 220 19.34 17.78 -36.51
C SER B 220 19.74 19.21 -36.87
N PHE B 221 19.35 20.15 -36.03
CA PHE B 221 19.62 21.57 -36.27
C PHE B 221 20.65 22.10 -35.28
N SER B 222 21.46 21.20 -34.74
CA SER B 222 22.51 21.56 -33.80
C SER B 222 23.53 20.45 -33.70
N ALA B 223 24.55 20.66 -32.87
CA ALA B 223 25.68 19.73 -32.78
C ALA B 223 25.41 18.61 -31.78
N SER B 224 24.45 18.81 -30.88
CA SER B 224 24.21 17.87 -29.78
C SER B 224 22.77 17.39 -29.70
N GLU B 225 21.93 17.81 -30.65
CA GLU B 225 20.52 17.47 -30.61
C GLU B 225 20.03 16.82 -31.90
N MET B 226 18.86 16.22 -31.80
CA MET B 226 18.28 15.45 -32.90
C MET B 226 16.80 15.28 -32.62
N GLU B 227 15.96 15.53 -33.62
CA GLU B 227 14.52 15.43 -33.45
C GLU B 227 13.92 14.33 -34.32
N VAL B 228 13.34 13.33 -33.66
CA VAL B 228 12.68 12.24 -34.35
C VAL B 228 11.17 12.50 -34.39
N SER B 229 10.56 12.16 -35.53
CA SER B 229 9.16 12.37 -35.75
C SER B 229 8.60 11.22 -36.58
N TRP B 230 7.34 10.89 -36.37
CA TRP B 230 6.71 9.80 -37.09
C TRP B 230 5.21 10.04 -37.21
N ASN B 231 4.55 9.24 -38.06
CA ASN B 231 3.11 9.34 -38.19
C ASN B 231 2.40 8.53 -37.10
N ALA B 232 1.37 9.11 -36.51
CA ALA B 232 0.56 8.40 -35.53
C ALA B 232 -0.09 7.19 -36.19
N ILE B 233 -0.05 6.06 -35.51
CA ILE B 233 -0.72 4.87 -36.00
C ILE B 233 -2.23 5.02 -35.85
N ALA B 234 -2.95 4.59 -36.88
CA ALA B 234 -4.40 4.68 -36.91
C ALA B 234 -4.99 3.46 -36.23
N TRP B 235 -5.91 3.67 -35.29
CA TRP B 235 -6.46 2.53 -34.56
C TRP B 235 -7.43 1.75 -35.41
N ASN B 236 -7.51 0.46 -35.11
CA ASN B 236 -8.29 -0.50 -35.86
C ASN B 236 -8.49 -1.68 -34.92
N ARG B 237 -9.66 -2.31 -34.97
CA ARG B 237 -10.02 -3.31 -33.97
C ARG B 237 -8.98 -4.42 -33.86
N ASN B 238 -8.47 -4.85 -35.00
CA ASN B 238 -7.53 -5.97 -35.06
C ASN B 238 -6.09 -5.59 -34.71
N THR B 239 -5.73 -4.33 -34.92
CA THR B 239 -4.34 -3.89 -34.82
C THR B 239 -3.76 -3.86 -33.41
N GLY B 240 -4.62 -3.78 -32.39
CA GLY B 240 -4.17 -3.62 -31.02
C GLY B 240 -3.99 -2.16 -30.66
N ARG B 241 -4.07 -1.83 -29.37
CA ARG B 241 -3.94 -0.46 -28.91
C ARG B 241 -2.53 0.09 -29.01
N VAL B 242 -2.44 1.41 -29.12
CA VAL B 242 -1.18 2.13 -29.00
C VAL B 242 -1.28 3.20 -27.92
N LEU B 243 -0.76 2.88 -26.74
CA LEU B 243 -0.79 3.82 -25.62
C LEU B 243 0.33 4.85 -25.75
N GLY B 244 1.30 4.54 -26.61
CA GLY B 244 2.43 5.42 -26.82
C GLY B 244 3.45 4.77 -27.72
N TYR B 245 4.53 5.51 -27.98
CA TYR B 245 5.58 5.05 -28.86
C TYR B 245 6.91 5.04 -28.14
N GLU B 246 7.85 4.28 -28.67
CA GLU B 246 9.17 4.14 -28.07
C GLU B 246 10.23 4.39 -29.13
N VAL B 247 11.07 5.39 -28.87
CA VAL B 247 12.12 5.77 -29.81
C VAL B 247 13.43 5.12 -29.41
N LEU B 248 14.00 4.32 -30.31
CA LEU B 248 15.34 3.79 -30.14
C LEU B 248 16.31 4.57 -31.00
N TYR B 249 17.48 4.90 -30.46
CA TYR B 249 18.52 5.57 -31.22
C TYR B 249 19.92 5.06 -30.84
N TRP B 250 20.84 5.05 -31.81
CA TRP B 250 22.15 4.45 -31.58
C TRP B 250 23.27 4.93 -32.53
N THR B 251 24.51 4.69 -32.11
CA THR B 251 25.70 5.03 -32.89
C THR B 251 26.76 3.95 -32.78
N ASP B 252 27.75 4.01 -33.67
CA ASP B 252 28.92 3.12 -33.60
C ASP B 252 30.20 3.86 -33.94
N ASN B 253 30.30 5.13 -33.56
CA ASN B 253 31.45 5.95 -33.95
C ASN B 253 32.71 5.61 -33.16
N SER B 254 33.78 6.36 -33.39
CA SER B 254 35.10 6.03 -32.83
C SER B 254 35.26 6.48 -31.38
N LYS B 255 34.20 7.00 -30.78
CA LYS B 255 34.29 7.54 -29.41
C LYS B 255 33.18 7.05 -28.50
N GLU B 256 32.19 6.34 -29.04
CA GLU B 256 31.04 5.89 -28.25
C GLU B 256 30.13 4.95 -29.03
N SER B 257 29.98 3.71 -28.57
CA SER B 257 29.03 2.78 -29.17
C SER B 257 27.87 2.55 -28.21
N MET B 258 26.74 3.17 -28.50
CA MET B 258 25.62 3.24 -27.56
C MET B 258 24.26 3.10 -28.25
N ILE B 259 23.31 2.52 -27.53
CA ILE B 259 21.90 2.52 -27.94
C ILE B 259 21.04 3.07 -26.80
N GLY B 260 20.08 3.92 -27.17
CA GLY B 260 19.20 4.55 -26.18
C GLY B 260 17.74 4.31 -26.52
N LYS B 261 16.89 4.32 -25.50
CA LYS B 261 15.47 3.99 -25.65
C LYS B 261 14.60 4.94 -24.81
N ILE B 262 13.71 5.66 -25.47
CA ILE B 262 12.89 6.68 -24.83
C ILE B 262 11.42 6.49 -25.18
N ARG B 263 10.54 6.60 -24.18
CA ARG B 263 9.10 6.46 -24.39
C ARG B 263 8.39 7.81 -24.36
N VAL B 264 7.38 7.93 -25.21
CA VAL B 264 6.43 9.05 -25.16
C VAL B 264 5.05 8.44 -25.07
N SER B 265 4.17 9.06 -24.28
CA SER B 265 2.84 8.52 -24.06
C SER B 265 1.80 9.30 -24.84
N GLY B 266 0.71 8.62 -25.21
CA GLY B 266 -0.43 9.28 -25.83
C GLY B 266 -0.31 9.42 -27.33
N ASN B 267 -0.57 10.64 -27.82
CA ASN B 267 -0.56 10.91 -29.25
C ASN B 267 0.69 11.68 -29.68
N VAL B 268 1.62 11.84 -28.75
CA VAL B 268 2.88 12.52 -29.04
C VAL B 268 3.65 11.78 -30.12
N THR B 269 3.95 12.47 -31.21
CA THR B 269 4.57 11.87 -32.39
C THR B 269 5.88 12.58 -32.76
N THR B 270 6.51 13.19 -31.76
CA THR B 270 7.79 13.85 -31.96
C THR B 270 8.63 13.70 -30.71
N LYS B 271 9.94 13.58 -30.89
CA LYS B 271 10.86 13.50 -29.76
C LYS B 271 12.20 14.15 -30.07
N ASN B 272 12.55 15.14 -29.25
CA ASN B 272 13.86 15.78 -29.35
C ASN B 272 14.85 15.11 -28.39
N ILE B 273 15.93 14.61 -28.96
CA ILE B 273 16.94 13.85 -28.23
C ILE B 273 18.20 14.69 -28.08
N THR B 274 18.72 14.77 -26.86
CA THR B 274 19.83 15.67 -26.56
C THR B 274 21.05 14.92 -26.02
N GLY B 275 22.13 15.67 -25.78
CA GLY B 275 23.36 15.10 -25.26
C GLY B 275 24.03 14.20 -26.29
N LEU B 276 24.11 14.67 -27.53
CA LEU B 276 24.72 13.92 -28.62
C LEU B 276 26.07 14.51 -29.01
N ARG B 277 26.86 13.73 -29.74
CA ARG B 277 28.19 14.17 -30.17
C ARG B 277 28.11 14.88 -31.52
N ALA B 278 28.95 15.91 -31.69
CA ALA B 278 28.96 16.69 -32.93
C ALA B 278 29.44 15.88 -34.12
N ASN B 279 28.96 16.24 -35.31
CA ASN B 279 29.36 15.63 -36.56
C ASN B 279 29.37 14.10 -36.49
N THR B 280 28.32 13.54 -35.89
CA THR B 280 28.23 12.10 -35.65
C THR B 280 26.94 11.53 -36.24
N ILE B 281 27.05 10.37 -36.87
CA ILE B 281 25.92 9.72 -37.52
C ILE B 281 25.10 8.91 -36.52
N TYR B 282 23.84 9.31 -36.35
CA TYR B 282 22.93 8.64 -35.42
C TYR B 282 21.84 7.89 -36.17
N PHE B 283 21.38 6.79 -35.58
CA PHE B 283 20.26 6.02 -36.15
C PHE B 283 19.07 6.16 -35.25
N ALA B 284 17.88 5.95 -35.80
CA ALA B 284 16.65 6.01 -35.01
C ALA B 284 15.61 5.06 -35.56
N SER B 285 14.64 4.72 -34.71
CA SER B 285 13.60 3.78 -35.06
C SER B 285 12.50 3.89 -34.01
N VAL B 286 11.25 3.82 -34.45
CA VAL B 286 10.12 3.93 -33.55
C VAL B 286 9.28 2.67 -33.57
N ARG B 287 8.75 2.29 -32.41
CA ARG B 287 7.73 1.25 -32.33
C ARG B 287 6.68 1.64 -31.31
N ALA B 288 5.48 1.11 -31.48
CA ALA B 288 4.38 1.38 -30.57
C ALA B 288 4.46 0.46 -29.37
N TYR B 289 3.75 0.81 -28.29
CA TYR B 289 3.68 -0.05 -27.12
C TYR B 289 2.31 0.04 -26.46
N ASN B 290 1.93 -1.04 -25.80
CA ASN B 290 0.83 -1.02 -24.86
C ASN B 290 1.24 -1.91 -23.68
N THR B 291 0.28 -2.28 -22.84
CA THR B 291 0.62 -2.99 -21.60
C THR B 291 1.28 -4.35 -21.87
N ALA B 292 1.05 -4.92 -23.05
CA ALA B 292 1.60 -6.23 -23.38
C ALA B 292 3.06 -6.16 -23.79
N GLY B 293 3.52 -4.97 -24.17
CA GLY B 293 4.87 -4.79 -24.68
C GLY B 293 4.85 -3.96 -25.95
N THR B 294 5.89 -4.09 -26.76
CA THR B 294 6.03 -3.29 -27.98
C THR B 294 5.78 -4.08 -29.24
N GLY B 295 5.49 -3.36 -30.32
CA GLY B 295 5.20 -3.96 -31.61
C GLY B 295 6.37 -3.82 -32.56
N PRO B 296 6.12 -4.05 -33.86
CA PRO B 296 7.14 -3.97 -34.91
C PRO B 296 7.82 -2.60 -34.96
N SER B 297 9.11 -2.59 -35.32
CA SER B 297 9.88 -1.35 -35.43
C SER B 297 9.90 -0.82 -36.85
N SER B 298 10.01 0.50 -36.97
CA SER B 298 10.11 1.14 -38.28
C SER B 298 11.52 0.95 -38.84
N LEU B 299 11.64 0.94 -40.16
CA LEU B 299 12.95 0.80 -40.78
C LEU B 299 13.84 1.94 -40.28
N PRO B 300 15.07 1.60 -39.85
CA PRO B 300 15.93 2.63 -39.26
C PRO B 300 16.12 3.84 -40.16
N VAL B 301 16.12 5.03 -39.56
CA VAL B 301 16.44 6.26 -40.26
C VAL B 301 17.67 6.83 -39.59
N ASN B 302 18.49 7.55 -40.35
CA ASN B 302 19.70 8.14 -39.78
C ASN B 302 19.90 9.59 -40.19
N VAL B 303 20.63 10.30 -39.33
CA VAL B 303 20.96 11.69 -39.53
C VAL B 303 22.41 11.88 -39.09
N THR B 304 23.01 13.00 -39.49
CA THR B 304 24.32 13.39 -39.01
C THR B 304 24.19 14.72 -38.29
N THR B 305 24.55 14.74 -37.01
CA THR B 305 24.49 15.98 -36.24
C THR B 305 25.45 17.02 -36.83
N LYS B 306 25.24 18.28 -36.47
CA LYS B 306 26.05 19.36 -36.99
C LYS B 306 27.32 19.53 -36.16
N LYS B 307 28.05 20.62 -36.39
CA LYS B 307 29.31 20.88 -35.71
C LYS B 307 29.61 22.37 -35.67
#